data_1COY
#
_entry.id   1COY
#
_cell.length_a   67.930
_cell.length_b   84.230
_cell.length_c   87.930
_cell.angle_alpha   90.00
_cell.angle_beta   90.00
_cell.angle_gamma   90.00
#
_symmetry.space_group_name_H-M   'P 21 21 21'
#
loop_
_entity.id
_entity.type
_entity.pdbx_description
1 polymer 'CHOLESTEROL OXIDASE'
2 non-polymer 3-BETA-HYDROXY-5-ANDROSTEN-17-ONE
3 non-polymer 'FLAVIN-ADENINE DINUCLEOTIDE'
4 water water
#
_entity_poly.entity_id   1
_entity_poly.type   'polypeptide(L)'
_entity_poly.pdbx_seq_one_letter_code
;APSRTLADGDRVPALVIGSGYGGAVAALRLTQAGIPTQIVEMGRSWDTPGSDGKIFCGMLNPDKRSMWLADKTDQPVSNF
MGFGINKSIDRYVGVLDSERFSGIKVYQGRGVGGGSLVNGGMAVTPKRNYFEEILPSVDSNEMYNKYFPRANTGLGVNNI
DQAWFESTEWYKFARTGRKTAQRSGFTTAFVPNVYDFEYMKKEAAGQVTKSGLGGEVIYGNNAGKKSLDKTYLAQAAATG
KLTITTLHRVTKVAPATGSGYSVTMEQIDEQGNVVATKVVTADRVFFAAGSVGTSKLLVSMKAQGHLPNLSSQVGEGWGN
NGNIMVGRANHMWDATGSKQATIPTMGIDNWADPTAPIFAEIAPLPAGLETYVSLYLAITKNPERARFQFNSGTGKVDLT
WAQSQNQKGIDMAKKVFDKINQKEGTIYRTDLFGVYYKTWGDDFTYHPLGGVLLNKATDNFGRLPEYPGLYVVDGSLVPG
NVGVNPFVTITALAERNMDKIISSDIQ
;
_entity_poly.pdbx_strand_id   A
#
# COMPACT_ATOMS: atom_id res chain seq x y z
N ARG A 4 -26.33 6.58 -9.51
CA ARG A 4 -26.45 6.47 -8.06
C ARG A 4 -25.85 5.16 -7.55
N THR A 5 -25.58 5.12 -6.24
CA THR A 5 -24.98 3.95 -5.57
C THR A 5 -25.81 2.68 -5.72
N LEU A 6 -25.19 1.54 -5.45
CA LEU A 6 -25.85 0.24 -5.55
C LEU A 6 -27.01 0.10 -4.56
N ALA A 7 -28.12 -0.41 -5.07
CA ALA A 7 -29.31 -0.67 -4.27
C ALA A 7 -29.56 -2.18 -4.22
N ASP A 8 -30.08 -2.64 -3.09
CA ASP A 8 -30.46 -4.04 -2.91
C ASP A 8 -31.35 -4.50 -4.08
N GLY A 9 -31.09 -5.70 -4.60
CA GLY A 9 -31.87 -6.21 -5.71
C GLY A 9 -31.27 -5.86 -7.06
N ASP A 10 -30.30 -4.96 -7.12
CA ASP A 10 -29.64 -4.61 -8.39
C ASP A 10 -28.91 -5.79 -9.04
N ARG A 11 -28.76 -5.73 -10.36
CA ARG A 11 -28.02 -6.73 -11.15
C ARG A 11 -27.01 -6.01 -12.02
N VAL A 12 -25.73 -6.29 -11.83
CA VAL A 12 -24.67 -5.52 -12.46
C VAL A 12 -23.69 -6.42 -13.22
N PRO A 13 -23.23 -5.96 -14.40
CA PRO A 13 -22.29 -6.69 -15.25
C PRO A 13 -20.99 -6.98 -14.56
N ALA A 14 -20.42 -5.95 -13.95
CA ALA A 14 -19.10 -6.08 -13.35
C ALA A 14 -19.07 -5.30 -12.05
N LEU A 15 -18.69 -5.98 -10.98
CA LEU A 15 -18.57 -5.33 -9.70
C LEU A 15 -17.12 -5.47 -9.23
N VAL A 16 -16.51 -4.34 -8.89
CA VAL A 16 -15.12 -4.33 -8.41
C VAL A 16 -15.19 -4.00 -6.94
N ILE A 17 -14.62 -4.87 -6.13
CA ILE A 17 -14.62 -4.69 -4.68
C ILE A 17 -13.31 -4.03 -4.29
N GLY A 18 -13.37 -2.74 -3.91
CA GLY A 18 -12.16 -2.02 -3.53
C GLY A 18 -11.63 -1.12 -4.62
N SER A 19 -10.99 -0.02 -4.24
CA SER A 19 -10.55 0.98 -5.21
C SER A 19 -9.08 1.42 -5.07
N GLY A 20 -8.22 0.51 -4.62
CA GLY A 20 -6.79 0.75 -4.64
C GLY A 20 -6.23 0.46 -6.03
N TYR A 21 -4.95 0.09 -6.10
CA TYR A 21 -4.30 -0.14 -7.40
C TYR A 21 -4.94 -1.18 -8.30
N GLY A 22 -5.20 -2.37 -7.77
CA GLY A 22 -5.78 -3.43 -8.58
C GLY A 22 -7.18 -3.06 -9.04
N GLY A 23 -7.96 -2.48 -8.12
CA GLY A 23 -9.33 -2.09 -8.44
C GLY A 23 -9.42 -0.98 -9.48
N ALA A 24 -8.49 -0.01 -9.37
CA ALA A 24 -8.43 1.13 -10.30
C ALA A 24 -8.05 0.66 -11.70
N VAL A 25 -7.11 -0.27 -11.80
CA VAL A 25 -6.75 -0.86 -13.10
C VAL A 25 -7.94 -1.62 -13.70
N ALA A 26 -8.60 -2.45 -12.89
CA ALA A 26 -9.76 -3.22 -13.36
C ALA A 26 -10.85 -2.26 -13.88
N ALA A 27 -11.16 -1.23 -13.10
CA ALA A 27 -12.20 -0.28 -13.46
C ALA A 27 -11.85 0.44 -14.75
N LEU A 28 -10.60 0.87 -14.89
CA LEU A 28 -10.20 1.57 -16.11
C LEU A 28 -10.33 0.67 -17.34
N ARG A 29 -9.80 -0.55 -17.26
CA ARG A 29 -9.82 -1.43 -18.43
C ARG A 29 -11.22 -1.95 -18.79
N LEU A 30 -12.02 -2.27 -17.78
CA LEU A 30 -13.42 -2.67 -18.02
C LEU A 30 -14.21 -1.55 -18.69
N THR A 31 -14.21 -0.34 -18.12
CA THR A 31 -14.99 0.76 -18.70
C THR A 31 -14.51 1.18 -20.08
N GLN A 32 -13.20 1.11 -20.32
CA GLN A 32 -12.68 1.41 -21.66
C GLN A 32 -13.12 0.35 -22.67
N ALA A 33 -13.34 -0.87 -22.19
CA ALA A 33 -13.86 -1.95 -23.00
C ALA A 33 -15.37 -1.78 -23.15
N GLY A 34 -15.93 -0.76 -22.51
CA GLY A 34 -17.36 -0.48 -22.63
C GLY A 34 -18.24 -1.23 -21.65
N ILE A 35 -17.66 -1.77 -20.59
CA ILE A 35 -18.43 -2.48 -19.60
C ILE A 35 -18.78 -1.56 -18.45
N PRO A 36 -20.08 -1.34 -18.20
CA PRO A 36 -20.51 -0.48 -17.10
C PRO A 36 -20.02 -1.16 -15.83
N THR A 37 -19.32 -0.42 -15.00
CA THR A 37 -18.65 -1.00 -13.85
C THR A 37 -19.01 -0.30 -12.56
N GLN A 38 -19.25 -1.10 -11.53
CA GLN A 38 -19.53 -0.56 -10.20
C GLN A 38 -18.35 -0.86 -9.29
N ILE A 39 -17.77 0.18 -8.70
CA ILE A 39 -16.77 -0.06 -7.65
C ILE A 39 -17.50 0.09 -6.33
N VAL A 40 -17.27 -0.83 -5.42
CA VAL A 40 -17.80 -0.73 -4.07
C VAL A 40 -16.60 -0.54 -3.16
N GLU A 41 -16.59 0.57 -2.43
CA GLU A 41 -15.46 0.97 -1.59
C GLU A 41 -15.99 1.20 -0.16
N MET A 42 -15.36 0.62 0.85
CA MET A 42 -15.84 0.76 2.21
C MET A 42 -15.58 2.13 2.81
N GLY A 43 -14.50 2.79 2.37
CA GLY A 43 -14.20 4.13 2.85
C GLY A 43 -14.92 5.22 2.07
N ARG A 44 -14.61 6.46 2.40
CA ARG A 44 -15.28 7.58 1.77
C ARG A 44 -14.49 8.11 0.59
N SER A 45 -15.15 8.96 -0.19
CA SER A 45 -14.49 9.68 -1.25
C SER A 45 -13.79 10.89 -0.62
N TRP A 46 -12.50 11.07 -0.87
CA TRP A 46 -11.78 12.19 -0.26
C TRP A 46 -11.69 13.38 -1.22
N ASP A 47 -12.85 14.00 -1.42
CA ASP A 47 -13.00 15.12 -2.35
C ASP A 47 -13.90 16.18 -1.76
N THR A 48 -14.08 16.13 -0.44
CA THR A 48 -14.95 17.06 0.28
C THR A 48 -14.12 17.61 1.44
N PRO A 49 -13.93 18.94 1.48
CA PRO A 49 -13.15 19.58 2.55
C PRO A 49 -13.72 19.35 3.95
N GLY A 50 -12.83 19.21 4.92
CA GLY A 50 -13.25 19.13 6.30
C GLY A 50 -13.43 20.51 6.92
N SER A 51 -13.48 20.53 8.25
CA SER A 51 -13.68 21.75 9.04
C SER A 51 -12.72 22.88 8.67
N ASP A 52 -11.46 22.53 8.52
CA ASP A 52 -10.42 23.52 8.27
C ASP A 52 -10.31 23.94 6.81
N GLY A 53 -11.25 23.50 5.98
CA GLY A 53 -11.21 23.85 4.57
C GLY A 53 -10.30 22.95 3.72
N LYS A 54 -9.59 22.04 4.37
CA LYS A 54 -8.71 21.13 3.64
C LYS A 54 -9.31 19.73 3.63
N ILE A 55 -8.95 18.91 2.65
CA ILE A 55 -9.46 17.54 2.59
C ILE A 55 -8.84 16.63 3.66
N PHE A 56 -7.52 16.61 3.73
CA PHE A 56 -6.79 15.75 4.66
C PHE A 56 -6.17 16.53 5.81
N CYS A 57 -5.90 15.82 6.89
CA CYS A 57 -5.17 16.43 7.98
C CYS A 57 -3.67 16.08 7.79
N GLY A 58 -2.81 16.94 8.32
CA GLY A 58 -1.39 16.69 8.26
C GLY A 58 -0.97 15.85 9.45
N MET A 59 0.30 15.45 9.45
CA MET A 59 0.82 14.60 10.49
C MET A 59 1.13 15.30 11.80
N LEU A 60 1.40 16.61 11.75
CA LEU A 60 1.72 17.38 12.96
C LEU A 60 0.53 17.57 13.91
N ASN A 61 -0.64 17.89 13.35
CA ASN A 61 -1.87 18.02 14.14
C ASN A 61 -2.99 17.17 13.52
N PRO A 62 -2.95 15.83 13.70
CA PRO A 62 -3.99 14.97 13.14
C PRO A 62 -5.32 15.13 13.83
N ASP A 63 -6.41 14.83 13.13
CA ASP A 63 -7.72 14.86 13.75
C ASP A 63 -8.47 13.61 13.35
N LYS A 64 -9.80 13.61 13.46
CA LYS A 64 -10.56 12.39 13.16
C LYS A 64 -10.33 11.85 11.75
N ARG A 65 -9.94 12.73 10.82
CA ARG A 65 -9.69 12.32 9.43
C ARG A 65 -8.48 11.41 9.24
N SER A 66 -7.65 11.32 10.27
CA SER A 66 -6.44 10.52 10.17
C SER A 66 -6.67 9.00 10.14
N MET A 67 -7.47 8.50 11.08
CA MET A 67 -7.60 7.06 11.31
C MET A 67 -8.96 6.47 10.96
N TRP A 68 -8.93 5.22 10.50
CA TRP A 68 -10.15 4.47 10.23
C TRP A 68 -10.74 3.93 11.54
N LEU A 69 -11.87 4.51 11.93
CA LEU A 69 -12.68 4.05 13.06
C LEU A 69 -11.86 3.75 14.30
N ALA A 70 -11.16 4.75 14.81
CA ALA A 70 -10.27 4.55 15.94
C ALA A 70 -10.41 5.73 16.87
N ASP A 71 -10.01 5.53 18.13
CA ASP A 71 -10.13 6.58 19.15
C ASP A 71 -8.84 7.37 19.37
N LYS A 72 -7.76 6.94 18.73
CA LYS A 72 -6.48 7.60 18.86
C LYS A 72 -5.69 7.40 17.58
N THR A 73 -4.81 8.34 17.27
CA THR A 73 -3.93 8.20 16.13
C THR A 73 -2.93 7.07 16.37
N ASP A 74 -2.37 6.55 15.30
CA ASP A 74 -1.37 5.49 15.42
C ASP A 74 -0.32 5.68 14.32
N GLN A 75 0.89 5.99 14.72
CA GLN A 75 1.99 6.14 13.78
C GLN A 75 3.13 5.29 14.34
N PRO A 76 3.97 4.72 13.46
CA PRO A 76 5.08 3.87 13.89
C PRO A 76 6.07 4.60 14.81
N VAL A 77 6.32 5.88 14.52
CA VAL A 77 7.16 6.69 15.40
C VAL A 77 6.27 7.44 16.38
N SER A 78 6.40 7.11 17.66
CA SER A 78 5.53 7.67 18.69
C SER A 78 6.30 8.51 19.69
N ASN A 79 5.76 9.69 19.98
CA ASN A 79 6.27 10.54 21.05
C ASN A 79 7.78 10.73 20.95
N PHE A 80 8.26 11.13 19.77
CA PHE A 80 9.67 11.41 19.59
C PHE A 80 9.92 12.90 19.43
N MET A 81 10.53 13.50 20.44
CA MET A 81 10.83 14.93 20.43
C MET A 81 9.67 15.79 19.92
N GLY A 82 8.54 15.72 20.61
CA GLY A 82 7.37 16.50 20.23
C GLY A 82 6.63 15.94 19.04
N PHE A 83 7.29 15.11 18.25
CA PHE A 83 6.70 14.55 17.05
C PHE A 83 6.02 13.20 17.26
N GLY A 84 4.91 12.98 16.56
CA GLY A 84 4.25 11.68 16.54
C GLY A 84 3.39 11.23 17.70
N ILE A 85 3.23 12.06 18.73
CA ILE A 85 2.44 11.70 19.91
C ILE A 85 0.98 11.36 19.57
N ASN A 86 0.55 10.16 19.98
CA ASN A 86 -0.78 9.68 19.67
C ASN A 86 -1.79 10.47 20.47
N LYS A 87 -2.73 11.09 19.76
CA LYS A 87 -3.72 11.92 20.40
C LYS A 87 -5.08 11.27 20.23
N SER A 88 -6.01 11.63 21.12
CA SER A 88 -7.41 11.17 21.07
C SER A 88 -8.17 11.85 19.92
N ILE A 89 -8.97 11.06 19.20
CA ILE A 89 -9.78 11.57 18.09
C ILE A 89 -11.15 10.97 18.15
N ASP A 90 -12.07 11.65 17.47
CA ASP A 90 -13.41 11.12 17.26
C ASP A 90 -13.34 9.90 16.34
N ARG A 91 -14.19 8.90 16.57
CA ARG A 91 -14.34 7.77 15.64
C ARG A 91 -14.93 8.33 14.34
N TYR A 92 -14.29 7.98 13.23
CA TYR A 92 -14.69 8.49 11.94
C TYR A 92 -14.10 7.57 10.87
N VAL A 93 -14.67 7.63 9.67
CA VAL A 93 -14.14 6.87 8.52
C VAL A 93 -12.88 7.54 7.91
N GLY A 94 -11.85 7.67 8.75
CA GLY A 94 -10.59 8.28 8.38
C GLY A 94 -9.78 7.43 7.42
N VAL A 95 -8.70 8.01 6.93
CA VAL A 95 -8.00 7.46 5.77
C VAL A 95 -7.04 6.31 6.02
N LEU A 96 -6.44 6.23 7.21
CA LEU A 96 -5.45 5.20 7.47
C LEU A 96 -5.95 4.17 8.47
N ASP A 97 -5.98 2.91 8.04
CA ASP A 97 -6.42 1.81 8.91
C ASP A 97 -5.21 1.10 9.49
N SER A 98 -5.16 0.98 10.79
CA SER A 98 -4.10 0.24 11.42
C SER A 98 -4.79 -1.03 11.87
N GLU A 99 -4.78 -2.04 11.01
CA GLU A 99 -5.43 -3.30 11.30
C GLU A 99 -4.57 -4.25 12.11
N ARG A 100 -5.00 -4.50 13.34
CA ARG A 100 -4.27 -5.32 14.30
C ARG A 100 -4.53 -6.81 14.13
N PHE A 101 -3.48 -7.60 13.92
CA PHE A 101 -3.63 -9.05 13.99
C PHE A 101 -2.82 -9.45 15.21
N SER A 102 -2.76 -10.73 15.51
CA SER A 102 -2.04 -11.13 16.71
C SER A 102 -0.53 -10.84 16.71
N GLY A 103 0.11 -10.95 15.55
CA GLY A 103 1.55 -10.74 15.49
C GLY A 103 2.05 -9.58 14.66
N ILE A 104 1.14 -8.79 14.11
CA ILE A 104 1.54 -7.69 13.26
C ILE A 104 0.35 -6.76 13.02
N LYS A 105 0.63 -5.47 12.88
CA LYS A 105 -0.40 -4.56 12.41
C LYS A 105 -0.13 -4.20 10.97
N VAL A 106 -1.19 -4.15 10.19
CA VAL A 106 -1.06 -3.89 8.78
C VAL A 106 -1.67 -2.54 8.51
N TYR A 107 -0.84 -1.59 8.08
CA TYR A 107 -1.33 -0.28 7.69
C TYR A 107 -1.91 -0.37 6.28
N GLN A 108 -3.11 0.19 6.10
CA GLN A 108 -3.81 0.13 4.83
C GLN A 108 -4.59 1.42 4.62
N GLY A 109 -4.72 1.86 3.37
CA GLY A 109 -5.52 3.04 3.08
C GLY A 109 -6.99 2.65 2.94
N ARG A 110 -7.89 3.53 3.38
CA ARG A 110 -9.32 3.28 3.30
C ARG A 110 -9.99 4.47 2.65
N GLY A 111 -10.61 4.26 1.50
CA GLY A 111 -11.25 5.37 0.81
C GLY A 111 -11.09 5.19 -0.68
N VAL A 112 -11.66 6.08 -1.47
CA VAL A 112 -11.55 5.97 -2.92
C VAL A 112 -10.10 6.27 -3.34
N GLY A 113 -9.40 5.22 -3.78
CA GLY A 113 -7.98 5.31 -4.10
C GLY A 113 -7.15 4.36 -3.25
N GLY A 114 -7.76 3.78 -2.21
CA GLY A 114 -7.07 2.84 -1.34
C GLY A 114 -5.73 3.33 -0.79
N GLY A 115 -4.71 2.47 -0.88
CA GLY A 115 -3.40 2.84 -0.39
C GLY A 115 -2.76 4.04 -1.08
N SER A 116 -3.20 4.35 -2.30
CA SER A 116 -2.61 5.50 -2.99
C SER A 116 -2.86 6.81 -2.24
N LEU A 117 -3.88 6.83 -1.39
CA LEU A 117 -4.18 8.04 -0.64
C LEU A 117 -3.13 8.33 0.41
N VAL A 118 -2.60 7.27 1.00
CA VAL A 118 -1.73 7.40 2.17
C VAL A 118 -0.28 7.05 1.98
N ASN A 119 0.10 6.51 0.82
CA ASN A 119 1.45 6.02 0.64
C ASN A 119 2.46 7.08 0.31
N GLY A 120 3.74 6.69 0.32
CA GLY A 120 4.81 7.65 0.08
C GLY A 120 5.13 7.92 -1.37
N GLY A 121 4.35 7.30 -2.25
CA GLY A 121 4.48 7.54 -3.67
C GLY A 121 5.63 6.87 -4.38
N MET A 122 6.43 6.08 -3.68
CA MET A 122 7.63 5.49 -4.31
C MET A 122 7.26 4.41 -5.31
N ALA A 123 7.60 4.65 -6.56
CA ALA A 123 7.14 3.85 -7.68
C ALA A 123 8.34 3.15 -8.27
N VAL A 124 8.53 1.88 -7.88
CA VAL A 124 9.73 1.13 -8.23
C VAL A 124 9.41 -0.13 -9.04
N THR A 125 10.12 -0.30 -10.14
CA THR A 125 9.97 -1.49 -10.98
C THR A 125 10.95 -2.55 -10.41
N PRO A 126 10.45 -3.77 -10.12
CA PRO A 126 11.34 -4.79 -9.56
C PRO A 126 12.44 -5.20 -10.52
N LYS A 127 13.51 -5.75 -9.95
CA LYS A 127 14.63 -6.26 -10.74
C LYS A 127 14.18 -7.47 -11.57
N ARG A 128 14.41 -7.42 -12.88
CA ARG A 128 14.01 -8.52 -13.76
C ARG A 128 14.43 -9.92 -13.33
N ASN A 129 15.65 -10.03 -12.83
CA ASN A 129 16.14 -11.34 -12.38
C ASN A 129 15.32 -11.90 -11.21
N TYR A 130 15.01 -11.05 -10.22
CA TYR A 130 14.22 -11.47 -9.08
C TYR A 130 12.79 -11.73 -9.53
N PHE A 131 12.27 -10.86 -10.39
CA PHE A 131 10.93 -11.02 -10.93
C PHE A 131 10.78 -12.40 -11.60
N GLU A 132 11.73 -12.75 -12.46
CA GLU A 132 11.71 -14.01 -13.18
C GLU A 132 11.78 -15.22 -12.23
N GLU A 133 12.36 -15.02 -11.06
CA GLU A 133 12.47 -16.09 -10.09
C GLU A 133 11.25 -16.31 -9.18
N ILE A 134 10.58 -15.23 -8.80
CA ILE A 134 9.44 -15.33 -7.89
C ILE A 134 8.12 -15.54 -8.59
N LEU A 135 8.05 -15.14 -9.85
CA LEU A 135 6.86 -15.33 -10.66
C LEU A 135 7.27 -15.95 -12.00
N PRO A 136 7.79 -17.19 -11.95
CA PRO A 136 8.24 -17.87 -13.17
C PRO A 136 7.17 -18.22 -14.17
N SER A 137 5.90 -18.25 -13.75
CA SER A 137 4.82 -18.55 -14.68
C SER A 137 4.42 -17.35 -15.57
N VAL A 138 4.91 -16.18 -15.23
CA VAL A 138 4.59 -14.95 -15.97
C VAL A 138 5.61 -14.70 -17.09
N ASP A 139 5.12 -14.39 -18.28
CA ASP A 139 6.00 -14.04 -19.39
C ASP A 139 6.66 -12.68 -19.07
N SER A 140 7.93 -12.71 -18.73
CA SER A 140 8.62 -11.50 -18.28
C SER A 140 8.92 -10.55 -19.43
N ASN A 141 8.94 -11.04 -20.67
CA ASN A 141 9.14 -10.14 -21.80
C ASN A 141 7.97 -9.18 -21.89
N GLU A 142 6.76 -9.72 -21.78
CA GLU A 142 5.55 -8.89 -21.83
C GLU A 142 5.57 -7.86 -20.70
N MET A 143 5.96 -8.30 -19.52
CA MET A 143 6.02 -7.43 -18.36
C MET A 143 6.99 -6.29 -18.61
N TYR A 144 8.19 -6.61 -19.07
CA TYR A 144 9.20 -5.57 -19.23
C TYR A 144 9.06 -4.70 -20.47
N ASN A 145 8.50 -5.25 -21.54
CA ASN A 145 8.33 -4.51 -22.79
C ASN A 145 7.02 -3.73 -22.82
N LYS A 146 6.05 -4.16 -22.00
CA LYS A 146 4.72 -3.56 -22.09
C LYS A 146 4.03 -3.22 -20.79
N TYR A 147 3.83 -4.19 -19.91
CA TYR A 147 3.01 -3.92 -18.72
C TYR A 147 3.62 -3.00 -17.68
N PHE A 148 4.89 -3.18 -17.36
CA PHE A 148 5.57 -2.26 -16.45
C PHE A 148 5.58 -0.84 -16.98
N PRO A 149 5.97 -0.61 -18.26
CA PRO A 149 5.94 0.76 -18.79
C PRO A 149 4.51 1.33 -18.73
N ARG A 150 3.53 0.53 -19.12
CA ARG A 150 2.14 0.95 -19.11
C ARG A 150 1.72 1.43 -17.71
N ALA A 151 2.10 0.64 -16.68
CA ALA A 151 1.80 0.99 -15.30
C ALA A 151 2.47 2.29 -14.88
N ASN A 152 3.77 2.42 -15.19
CA ASN A 152 4.53 3.62 -14.81
C ASN A 152 3.97 4.88 -15.44
N THR A 153 3.63 4.79 -16.71
CA THR A 153 3.04 5.91 -17.41
C THR A 153 1.64 6.22 -16.87
N GLY A 154 0.81 5.19 -16.70
CA GLY A 154 -0.52 5.39 -16.15
C GLY A 154 -0.54 6.03 -14.76
N LEU A 155 0.42 5.64 -13.93
CA LEU A 155 0.52 6.15 -12.56
C LEU A 155 1.07 7.57 -12.48
N GLY A 156 1.70 8.05 -13.56
CA GLY A 156 2.28 9.39 -13.57
C GLY A 156 3.62 9.48 -12.87
N VAL A 157 4.42 8.42 -12.98
CA VAL A 157 5.72 8.38 -12.33
C VAL A 157 6.67 9.46 -12.90
N ASN A 158 7.44 10.10 -12.02
CA ASN A 158 8.41 11.11 -12.43
C ASN A 158 9.63 11.07 -11.53
N ASN A 159 10.68 11.76 -11.92
CA ASN A 159 11.93 11.72 -11.18
C ASN A 159 12.30 13.09 -10.69
N ILE A 160 12.96 13.15 -9.54
CA ILE A 160 13.34 14.42 -8.95
C ILE A 160 14.45 15.05 -9.79
N ASP A 161 14.44 16.39 -9.83
CA ASP A 161 15.50 17.16 -10.46
C ASP A 161 16.69 16.97 -9.55
N GLN A 162 17.70 16.27 -10.03
CA GLN A 162 18.86 15.95 -9.19
C GLN A 162 19.69 17.14 -8.76
N ALA A 163 19.71 18.18 -9.60
CA ALA A 163 20.42 19.41 -9.25
C ALA A 163 19.69 20.13 -8.10
N TRP A 164 18.36 20.18 -8.20
CA TRP A 164 17.54 20.78 -7.16
C TRP A 164 17.71 19.96 -5.88
N PHE A 165 17.70 18.64 -6.03
CA PHE A 165 17.89 17.75 -4.89
C PHE A 165 19.15 18.09 -4.10
N GLU A 166 20.23 18.34 -4.83
CA GLU A 166 21.50 18.62 -4.18
C GLU A 166 21.51 19.91 -3.40
N SER A 167 20.78 20.91 -3.87
CA SER A 167 20.83 22.20 -3.22
C SER A 167 19.75 22.46 -2.16
N THR A 168 18.61 21.81 -2.26
CA THR A 168 17.52 22.18 -1.37
C THR A 168 17.68 21.70 0.07
N GLU A 169 17.34 22.57 1.02
CA GLU A 169 17.46 22.19 2.43
C GLU A 169 16.49 21.06 2.80
N TRP A 170 15.41 20.91 2.03
CA TRP A 170 14.38 19.90 2.31
C TRP A 170 14.84 18.45 2.18
N TYR A 171 15.94 18.24 1.48
CA TYR A 171 16.47 16.90 1.31
C TYR A 171 17.83 16.71 1.92
N LYS A 172 18.18 17.56 2.87
CA LYS A 172 19.43 17.36 3.58
C LYS A 172 19.48 15.97 4.22
N PHE A 173 18.34 15.51 4.75
CA PHE A 173 18.31 14.21 5.42
C PHE A 173 18.75 13.08 4.48
N ALA A 174 18.32 13.17 3.22
CA ALA A 174 18.65 12.17 2.21
C ALA A 174 20.13 12.26 1.82
N ARG A 175 20.65 13.49 1.69
CA ARG A 175 22.08 13.66 1.36
C ARG A 175 22.95 13.08 2.47
N THR A 176 22.58 13.32 3.72
CA THR A 176 23.31 12.73 4.84
C THR A 176 23.21 11.20 4.83
N GLY A 177 22.02 10.66 4.58
CA GLY A 177 21.85 9.22 4.48
C GLY A 177 22.63 8.61 3.30
N ARG A 178 22.70 9.31 2.18
CA ARG A 178 23.49 8.87 1.05
C ARG A 178 24.98 8.85 1.38
N LYS A 179 25.45 9.92 2.01
CA LYS A 179 26.87 10.08 2.35
C LYS A 179 27.36 8.90 3.19
N THR A 180 26.64 8.57 4.26
CA THR A 180 27.10 7.50 5.14
C THR A 180 26.95 6.09 4.54
N ALA A 181 25.97 5.90 3.66
CA ALA A 181 25.82 4.63 2.97
C ALA A 181 27.02 4.46 2.01
N GLN A 182 27.32 5.49 1.23
CA GLN A 182 28.43 5.41 0.27
C GLN A 182 29.81 5.25 0.92
N ARG A 183 30.03 5.93 2.05
CA ARG A 183 31.30 5.77 2.77
C ARG A 183 31.51 4.32 3.21
N SER A 184 30.42 3.54 3.35
CA SER A 184 30.52 2.13 3.69
C SER A 184 30.45 1.18 2.50
N GLY A 185 30.54 1.75 1.31
CA GLY A 185 30.59 0.92 0.12
C GLY A 185 29.25 0.51 -0.46
N PHE A 186 28.15 1.01 0.10
CA PHE A 186 26.82 0.67 -0.39
C PHE A 186 26.39 1.55 -1.55
N THR A 187 25.63 0.97 -2.45
CA THR A 187 25.13 1.67 -3.62
C THR A 187 23.83 2.38 -3.25
N THR A 188 23.69 3.62 -3.66
CA THR A 188 22.46 4.37 -3.46
C THR A 188 21.85 4.64 -4.83
N ALA A 189 20.55 4.90 -4.85
CA ALA A 189 19.85 5.15 -6.09
C ALA A 189 18.67 6.09 -5.84
N PHE A 190 18.42 6.99 -6.78
CA PHE A 190 17.21 7.79 -6.73
C PHE A 190 16.03 6.87 -7.03
N VAL A 191 14.89 7.17 -6.43
CA VAL A 191 13.70 6.34 -6.58
C VAL A 191 12.61 7.20 -7.20
N PRO A 192 11.98 6.73 -8.29
CA PRO A 192 10.90 7.50 -8.93
C PRO A 192 9.67 7.59 -8.00
N ASN A 193 8.78 8.54 -8.27
CA ASN A 193 7.65 8.81 -7.39
C ASN A 193 6.47 9.35 -8.18
N VAL A 194 5.26 9.22 -7.62
CA VAL A 194 4.09 9.81 -8.26
C VAL A 194 3.83 11.23 -7.74
N TYR A 195 4.64 11.68 -6.78
CA TYR A 195 4.52 13.06 -6.32
C TYR A 195 5.12 13.94 -7.40
N ASP A 196 4.39 15.00 -7.75
CA ASP A 196 4.85 15.93 -8.76
C ASP A 196 6.05 16.74 -8.22
N PHE A 197 7.25 16.40 -8.68
CA PHE A 197 8.44 17.10 -8.24
C PHE A 197 8.58 18.54 -8.73
N GLU A 198 7.92 18.87 -9.84
CA GLU A 198 7.87 20.26 -10.28
C GLU A 198 7.05 21.08 -9.29
N TYR A 199 5.96 20.49 -8.78
CA TYR A 199 5.13 21.16 -7.79
C TYR A 199 5.93 21.36 -6.51
N MET A 200 6.75 20.37 -6.16
CA MET A 200 7.56 20.48 -4.95
C MET A 200 8.56 21.65 -4.98
N LYS A 201 9.14 21.91 -6.15
CA LYS A 201 10.03 23.07 -6.31
C LYS A 201 9.28 24.38 -5.98
N LYS A 202 8.03 24.50 -6.43
CA LYS A 202 7.22 25.69 -6.17
C LYS A 202 6.91 25.77 -4.69
N GLU A 203 6.68 24.62 -4.06
CA GLU A 203 6.46 24.58 -2.62
C GLU A 203 7.64 25.19 -1.90
N ALA A 204 8.84 24.76 -2.30
CA ALA A 204 10.07 25.26 -1.66
C ALA A 204 10.22 26.76 -1.91
N ALA A 205 9.76 27.21 -3.08
CA ALA A 205 9.82 28.61 -3.46
C ALA A 205 8.75 29.46 -2.79
N GLY A 206 7.86 28.83 -2.04
CA GLY A 206 6.80 29.52 -1.33
C GLY A 206 5.67 29.97 -2.24
N GLN A 207 5.61 29.38 -3.42
CA GLN A 207 4.66 29.80 -4.43
C GLN A 207 3.33 29.05 -4.46
N VAL A 208 3.29 27.87 -3.86
CA VAL A 208 2.07 27.04 -3.87
C VAL A 208 1.92 26.48 -2.46
N THR A 209 0.73 25.99 -2.15
CA THR A 209 0.45 25.39 -0.84
C THR A 209 1.34 24.17 -0.59
N LYS A 210 1.98 24.14 0.57
CA LYS A 210 2.88 23.06 0.90
C LYS A 210 2.11 21.82 1.32
N SER A 211 2.55 20.66 0.84
CA SER A 211 1.96 19.39 1.24
C SER A 211 3.11 18.48 1.63
N GLY A 212 3.89 18.05 0.62
CA GLY A 212 5.09 17.26 0.89
C GLY A 212 6.15 18.03 1.66
N LEU A 213 6.12 19.37 1.54
CA LEU A 213 7.01 20.23 2.31
C LEU A 213 6.23 20.83 3.49
N GLY A 214 5.05 20.27 3.77
CA GLY A 214 4.23 20.77 4.86
C GLY A 214 3.76 19.71 5.84
N GLY A 215 4.52 18.64 6.02
CA GLY A 215 4.18 17.64 7.01
C GLY A 215 3.00 16.73 6.67
N GLU A 216 2.71 16.55 5.39
CA GLU A 216 1.62 15.68 4.98
C GLU A 216 2.14 14.49 4.20
N VAL A 217 1.62 13.31 4.52
CA VAL A 217 1.78 12.14 3.67
C VAL A 217 0.89 10.95 4.05
N ILE A 218 1.06 10.42 5.25
CA ILE A 218 0.35 9.19 5.60
C ILE A 218 -1.13 9.35 5.94
N TYR A 219 -1.60 10.57 6.14
CA TYR A 219 -3.04 10.80 6.29
C TYR A 219 -3.56 11.54 5.06
N GLY A 220 -2.80 11.46 3.97
CA GLY A 220 -3.20 12.10 2.74
C GLY A 220 -2.35 13.31 2.42
N ASN A 221 -2.37 13.71 1.15
CA ASN A 221 -1.68 14.90 0.66
C ASN A 221 -2.72 15.80 0.01
N ASN A 222 -2.86 17.01 0.54
CA ASN A 222 -3.77 17.99 -0.03
C ASN A 222 -3.31 18.49 -1.38
N ALA A 223 -2.05 18.26 -1.72
CA ALA A 223 -1.54 18.63 -3.03
C ALA A 223 -0.33 17.80 -3.41
N GLY A 224 0.04 17.84 -4.68
CA GLY A 224 1.27 17.20 -5.13
C GLY A 224 1.28 15.71 -5.46
N LYS A 225 0.72 14.88 -4.60
CA LYS A 225 0.77 13.43 -4.77
C LYS A 225 -0.32 12.94 -5.72
N LYS A 226 0.09 12.24 -6.77
CA LYS A 226 -0.88 11.71 -7.72
C LYS A 226 -1.49 10.40 -7.28
N SER A 227 -2.46 10.52 -6.39
CA SER A 227 -3.20 9.36 -5.89
C SER A 227 -4.12 8.90 -7.02
N LEU A 228 -4.67 7.69 -6.88
CA LEU A 228 -5.42 7.03 -7.95
C LEU A 228 -6.67 7.75 -8.42
N ASP A 229 -7.28 8.52 -7.52
CA ASP A 229 -8.45 9.34 -7.87
C ASP A 229 -8.07 10.45 -8.87
N LYS A 230 -6.78 10.74 -8.98
CA LYS A 230 -6.31 11.74 -9.95
C LYS A 230 -5.80 11.11 -11.25
N THR A 231 -5.50 9.81 -11.23
CA THR A 231 -5.00 9.14 -12.42
C THR A 231 -5.95 8.09 -12.95
N TYR A 232 -5.75 6.82 -12.58
CA TYR A 232 -6.57 5.73 -13.09
C TYR A 232 -8.07 5.91 -12.91
N LEU A 233 -8.49 6.29 -11.71
CA LEU A 233 -9.92 6.44 -11.42
C LEU A 233 -10.54 7.63 -12.12
N ALA A 234 -9.78 8.72 -12.29
CA ALA A 234 -10.26 9.88 -13.04
C ALA A 234 -10.47 9.47 -14.50
N GLN A 235 -9.53 8.70 -15.06
CA GLN A 235 -9.66 8.20 -16.44
C GLN A 235 -10.84 7.23 -16.57
N ALA A 236 -11.02 6.36 -15.58
CA ALA A 236 -12.16 5.43 -15.59
C ALA A 236 -13.52 6.19 -15.51
N ALA A 237 -13.60 7.19 -14.63
CA ALA A 237 -14.82 7.98 -14.47
C ALA A 237 -15.07 8.79 -15.75
N ALA A 238 -14.02 9.12 -16.47
CA ALA A 238 -14.14 9.91 -17.68
C ALA A 238 -14.91 9.19 -18.79
N THR A 239 -14.95 7.87 -18.72
CA THR A 239 -15.68 7.09 -19.72
C THR A 239 -17.20 7.25 -19.59
N GLY A 240 -17.64 7.65 -18.40
CA GLY A 240 -19.06 7.76 -18.13
C GLY A 240 -19.72 6.44 -17.80
N LYS A 241 -18.91 5.39 -17.63
CA LYS A 241 -19.43 4.05 -17.32
C LYS A 241 -19.07 3.56 -15.93
N LEU A 242 -18.54 4.44 -15.11
CA LEU A 242 -18.12 4.05 -13.77
C LEU A 242 -19.06 4.59 -12.72
N THR A 243 -19.45 3.73 -11.79
CA THR A 243 -20.20 4.16 -10.62
C THR A 243 -19.38 3.80 -9.43
N ILE A 244 -19.20 4.75 -8.53
CA ILE A 244 -18.49 4.44 -7.29
C ILE A 244 -19.44 4.52 -6.10
N THR A 245 -19.62 3.41 -5.40
CA THR A 245 -20.46 3.35 -4.22
C THR A 245 -19.51 3.31 -3.01
N THR A 246 -19.57 4.35 -2.19
CA THR A 246 -18.68 4.50 -1.04
C THR A 246 -19.39 4.14 0.26
N LEU A 247 -18.62 3.95 1.32
CA LEU A 247 -19.18 3.59 2.62
C LEU A 247 -20.00 2.28 2.58
N HIS A 248 -19.61 1.35 1.71
CA HIS A 248 -20.23 0.02 1.67
C HIS A 248 -19.15 -1.04 1.81
N ARG A 249 -19.25 -1.82 2.88
CA ARG A 249 -18.31 -2.89 3.13
C ARG A 249 -18.87 -4.20 2.62
N VAL A 250 -18.19 -4.84 1.67
CA VAL A 250 -18.65 -6.14 1.18
C VAL A 250 -18.36 -7.20 2.24
N THR A 251 -19.38 -7.98 2.58
CA THR A 251 -19.27 -9.01 3.62
C THR A 251 -19.43 -10.46 3.14
N LYS A 252 -20.05 -10.65 1.99
CA LYS A 252 -20.35 -12.00 1.54
C LYS A 252 -20.49 -12.05 0.04
N VAL A 253 -19.93 -13.09 -0.55
CA VAL A 253 -20.07 -13.35 -1.98
C VAL A 253 -20.44 -14.83 -2.09
N ALA A 254 -21.51 -15.14 -2.82
CA ALA A 254 -21.94 -16.52 -2.99
C ALA A 254 -22.64 -16.65 -4.34
N PRO A 255 -22.68 -17.87 -4.89
CA PRO A 255 -23.36 -18.06 -6.19
C PRO A 255 -24.83 -17.65 -6.06
N ALA A 256 -25.31 -16.90 -7.04
CA ALA A 256 -26.73 -16.51 -7.09
C ALA A 256 -27.51 -17.63 -7.79
N THR A 257 -28.84 -17.58 -7.76
CA THR A 257 -29.59 -18.62 -8.47
C THR A 257 -29.69 -18.28 -9.95
N GLY A 258 -29.38 -19.27 -10.79
CA GLY A 258 -29.46 -19.10 -12.23
C GLY A 258 -28.16 -18.68 -12.90
N SER A 259 -27.43 -17.77 -12.26
CA SER A 259 -26.14 -17.27 -12.80
C SER A 259 -25.66 -16.09 -11.95
N GLY A 260 -24.36 -15.81 -12.01
CA GLY A 260 -23.84 -14.68 -11.29
C GLY A 260 -23.66 -14.95 -9.81
N TYR A 261 -23.39 -13.87 -9.08
CA TYR A 261 -23.06 -13.98 -7.68
C TYR A 261 -23.81 -12.93 -6.89
N SER A 262 -24.30 -13.34 -5.72
CA SER A 262 -24.91 -12.43 -4.76
C SER A 262 -23.80 -11.82 -3.91
N VAL A 263 -23.77 -10.49 -3.88
CA VAL A 263 -22.80 -9.72 -3.10
C VAL A 263 -23.54 -8.98 -2.00
N THR A 264 -23.27 -9.36 -0.75
CA THR A 264 -23.87 -8.72 0.39
C THR A 264 -22.93 -7.62 0.88
N MET A 265 -23.49 -6.45 1.15
CA MET A 265 -22.71 -5.35 1.69
C MET A 265 -23.40 -4.60 2.81
N GLU A 266 -22.59 -4.13 3.75
CA GLU A 266 -23.06 -3.31 4.84
C GLU A 266 -22.80 -1.85 4.51
N GLN A 267 -23.85 -1.04 4.49
CA GLN A 267 -23.70 0.39 4.35
C GLN A 267 -23.44 0.99 5.74
N ILE A 268 -22.41 1.79 5.85
CA ILE A 268 -22.08 2.41 7.13
C ILE A 268 -22.15 3.92 7.04
N ASP A 269 -22.45 4.58 8.15
CA ASP A 269 -22.40 6.03 8.18
C ASP A 269 -20.96 6.44 8.47
N GLU A 270 -20.72 7.73 8.56
CA GLU A 270 -19.35 8.22 8.75
C GLU A 270 -18.73 7.93 10.10
N GLN A 271 -19.54 7.43 11.03
CA GLN A 271 -19.06 7.01 12.34
C GLN A 271 -18.86 5.49 12.39
N GLY A 272 -19.09 4.82 11.26
CA GLY A 272 -18.90 3.39 11.19
C GLY A 272 -20.06 2.52 11.65
N ASN A 273 -21.21 3.14 11.93
CA ASN A 273 -22.41 2.40 12.28
C ASN A 273 -23.04 1.81 11.04
N VAL A 274 -23.35 0.52 11.07
CA VAL A 274 -24.08 -0.10 9.97
C VAL A 274 -25.51 0.47 9.96
N VAL A 275 -25.88 1.13 8.87
CA VAL A 275 -27.20 1.72 8.76
C VAL A 275 -28.16 0.91 7.88
N ALA A 276 -27.59 0.06 7.01
CA ALA A 276 -28.38 -0.82 6.14
C ALA A 276 -27.55 -1.99 5.62
N THR A 277 -28.24 -3.03 5.16
CA THR A 277 -27.59 -4.18 4.53
C THR A 277 -28.25 -4.36 3.15
N LYS A 278 -27.43 -4.53 2.10
CA LYS A 278 -27.92 -4.69 0.73
C LYS A 278 -27.32 -5.92 0.10
N VAL A 279 -28.06 -6.48 -0.85
CA VAL A 279 -27.58 -7.58 -1.65
C VAL A 279 -27.77 -7.22 -3.10
N VAL A 280 -26.70 -7.28 -3.87
CA VAL A 280 -26.77 -7.03 -5.30
C VAL A 280 -26.31 -8.29 -6.03
N THR A 281 -26.74 -8.46 -7.27
CA THR A 281 -26.29 -9.62 -8.04
C THR A 281 -25.34 -9.11 -9.12
N ALA A 282 -24.22 -9.77 -9.29
CA ALA A 282 -23.24 -9.32 -10.27
C ALA A 282 -22.85 -10.50 -11.13
N ASP A 283 -22.69 -10.26 -12.43
CA ASP A 283 -22.25 -11.30 -13.34
C ASP A 283 -20.79 -11.63 -13.12
N ARG A 284 -19.98 -10.61 -12.91
CA ARG A 284 -18.56 -10.79 -12.69
C ARG A 284 -18.15 -9.96 -11.50
N VAL A 285 -17.30 -10.55 -10.66
CA VAL A 285 -16.81 -9.89 -9.47
C VAL A 285 -15.27 -9.90 -9.50
N PHE A 286 -14.70 -8.72 -9.28
CA PHE A 286 -13.24 -8.56 -9.24
C PHE A 286 -12.86 -8.21 -7.83
N PHE A 287 -12.16 -9.11 -7.16
CA PHE A 287 -11.70 -8.88 -5.81
C PHE A 287 -10.45 -7.99 -5.83
N ALA A 288 -10.58 -6.80 -5.27
CA ALA A 288 -9.49 -5.83 -5.22
C ALA A 288 -9.49 -5.13 -3.86
N ALA A 289 -9.84 -5.89 -2.84
CA ALA A 289 -9.95 -5.38 -1.47
C ALA A 289 -8.59 -5.35 -0.79
N GLY A 290 -7.53 -5.68 -1.54
CA GLY A 290 -6.18 -5.68 -0.99
C GLY A 290 -5.74 -7.06 -0.49
N SER A 291 -4.44 -7.22 -0.26
CA SER A 291 -3.93 -8.49 0.23
C SER A 291 -4.71 -9.00 1.43
N VAL A 292 -4.95 -8.13 2.42
CA VAL A 292 -5.71 -8.56 3.60
C VAL A 292 -7.22 -8.68 3.32
N GLY A 293 -7.81 -7.65 2.72
CA GLY A 293 -9.24 -7.64 2.48
C GLY A 293 -9.76 -8.78 1.62
N THR A 294 -9.04 -9.07 0.53
CA THR A 294 -9.47 -10.14 -0.37
C THR A 294 -9.25 -11.50 0.27
N SER A 295 -8.10 -11.68 0.91
CA SER A 295 -7.85 -12.94 1.59
C SER A 295 -8.91 -13.22 2.67
N LYS A 296 -9.23 -12.22 3.49
CA LYS A 296 -10.22 -12.44 4.53
C LYS A 296 -11.56 -12.86 3.93
N LEU A 297 -11.96 -12.17 2.87
CA LEU A 297 -13.22 -12.49 2.22
C LEU A 297 -13.30 -13.91 1.69
N LEU A 298 -12.29 -14.31 0.92
CA LEU A 298 -12.30 -15.63 0.30
C LEU A 298 -12.13 -16.75 1.32
N VAL A 299 -11.28 -16.54 2.32
CA VAL A 299 -11.13 -17.52 3.39
C VAL A 299 -12.45 -17.70 4.16
N SER A 300 -13.15 -16.61 4.45
CA SER A 300 -14.45 -16.67 5.12
C SER A 300 -15.48 -17.38 4.25
N MET A 301 -15.54 -17.02 2.98
CA MET A 301 -16.52 -17.60 2.08
C MET A 301 -16.33 -19.10 1.91
N LYS A 302 -15.09 -19.53 1.87
CA LYS A 302 -14.81 -20.96 1.75
C LYS A 302 -15.20 -21.70 3.02
N ALA A 303 -14.76 -21.18 4.17
CA ALA A 303 -15.03 -21.84 5.44
C ALA A 303 -16.50 -21.84 5.83
N GLN A 304 -17.25 -20.82 5.42
CA GLN A 304 -18.69 -20.75 5.76
C GLN A 304 -19.60 -21.45 4.76
N GLY A 305 -18.99 -22.12 3.78
CA GLY A 305 -19.74 -22.87 2.79
C GLY A 305 -20.37 -22.09 1.67
N HIS A 306 -19.94 -20.85 1.47
CA HIS A 306 -20.53 -20.03 0.42
C HIS A 306 -19.79 -20.21 -0.88
N LEU A 307 -18.46 -20.35 -0.79
CA LEU A 307 -17.66 -20.68 -1.95
C LEU A 307 -16.78 -21.83 -1.51
N PRO A 308 -17.41 -22.97 -1.18
CA PRO A 308 -16.68 -24.15 -0.70
C PRO A 308 -15.69 -24.80 -1.67
N ASN A 309 -15.85 -24.55 -2.96
CA ASN A 309 -14.96 -25.16 -3.94
C ASN A 309 -13.69 -24.41 -4.24
N LEU A 310 -13.42 -23.34 -3.50
CA LEU A 310 -12.17 -22.61 -3.67
C LEU A 310 -11.00 -23.50 -3.32
N SER A 311 -9.87 -23.24 -3.98
CA SER A 311 -8.65 -23.98 -3.76
C SER A 311 -8.18 -24.00 -2.29
N SER A 312 -7.51 -25.07 -1.88
CA SER A 312 -6.94 -25.13 -0.54
C SER A 312 -5.82 -24.09 -0.36
N GLN A 313 -5.36 -23.54 -1.48
CA GLN A 313 -4.31 -22.54 -1.49
C GLN A 313 -4.82 -21.17 -1.04
N VAL A 314 -6.14 -21.00 -1.03
CA VAL A 314 -6.70 -19.73 -0.59
C VAL A 314 -6.33 -19.47 0.87
N GLY A 315 -5.69 -18.34 1.12
CA GLY A 315 -5.26 -17.98 2.45
C GLY A 315 -3.77 -18.19 2.67
N GLU A 316 -3.13 -18.94 1.79
CA GLU A 316 -1.72 -19.31 1.95
C GLU A 316 -0.75 -18.31 1.36
N GLY A 317 0.49 -18.34 1.86
CA GLY A 317 1.56 -17.55 1.27
C GLY A 317 1.54 -16.05 1.47
N TRP A 318 1.00 -15.60 2.59
CA TRP A 318 1.01 -14.17 2.89
C TRP A 318 2.40 -13.78 3.41
N GLY A 319 2.86 -12.60 3.01
CA GLY A 319 4.11 -12.04 3.50
C GLY A 319 3.98 -10.54 3.72
N ASN A 320 5.03 -9.95 4.29
CA ASN A 320 5.00 -8.55 4.70
C ASN A 320 6.01 -7.67 3.94
N ASN A 321 6.43 -8.17 2.78
CA ASN A 321 7.47 -7.57 1.95
C ASN A 321 8.74 -7.31 2.78
N GLY A 322 8.97 -8.16 3.78
CA GLY A 322 10.12 -8.03 4.66
C GLY A 322 10.36 -6.67 5.31
N ASN A 323 9.30 -5.89 5.54
CA ASN A 323 9.41 -4.54 6.11
C ASN A 323 10.03 -4.54 7.49
N ILE A 324 11.05 -3.70 7.67
CA ILE A 324 11.70 -3.50 8.98
C ILE A 324 12.08 -2.03 9.00
N MET A 325 11.82 -1.34 10.10
CA MET A 325 12.27 0.05 10.22
C MET A 325 13.35 0.16 11.30
N VAL A 326 14.23 1.13 11.15
CA VAL A 326 15.29 1.36 12.13
C VAL A 326 15.81 2.79 12.00
N GLY A 327 16.34 3.32 13.10
CA GLY A 327 16.88 4.66 13.09
C GLY A 327 18.28 4.60 13.68
N ARG A 328 19.18 5.38 13.12
CA ARG A 328 20.57 5.50 13.56
C ARG A 328 20.79 6.94 14.03
N ALA A 329 21.70 7.11 14.99
CA ALA A 329 22.08 8.45 15.47
C ALA A 329 23.26 8.90 14.64
N ASN A 330 23.25 10.15 14.17
CA ASN A 330 24.41 10.71 13.49
C ASN A 330 25.18 11.55 14.48
N HIS A 331 26.48 11.71 14.25
CA HIS A 331 27.26 12.67 15.01
C HIS A 331 26.92 14.10 14.57
N MET A 332 27.35 15.10 15.34
CA MET A 332 26.96 16.50 15.12
C MET A 332 27.27 17.09 13.77
N TRP A 333 28.32 16.60 13.11
CA TRP A 333 28.65 17.09 11.79
C TRP A 333 27.82 16.49 10.66
N ASP A 334 26.95 15.54 10.99
CA ASP A 334 26.07 14.91 10.01
C ASP A 334 24.62 15.19 10.35
N ALA A 335 24.28 16.47 10.42
CA ALA A 335 22.91 16.91 10.69
C ALA A 335 21.98 16.41 9.58
N THR A 336 20.71 16.18 9.91
CA THR A 336 19.77 15.75 8.91
C THR A 336 18.78 16.86 8.51
N GLY A 337 18.80 17.98 9.23
CA GLY A 337 18.01 19.14 8.85
C GLY A 337 16.70 19.30 9.60
N SER A 338 16.29 20.55 9.83
CA SER A 338 15.02 20.80 10.51
C SER A 338 13.87 20.84 9.50
N LYS A 339 14.19 20.97 8.21
CA LYS A 339 13.18 20.98 7.16
C LYS A 339 13.31 19.73 6.33
N GLN A 340 12.35 18.82 6.45
CA GLN A 340 12.42 17.58 5.71
C GLN A 340 11.18 17.33 4.87
N ALA A 341 11.37 17.09 3.59
CA ALA A 341 10.27 16.66 2.71
C ALA A 341 9.75 15.32 3.26
N THR A 342 8.44 15.10 3.13
CA THR A 342 7.83 13.88 3.63
C THR A 342 7.92 12.75 2.59
N ILE A 343 8.38 13.08 1.39
CA ILE A 343 8.44 12.13 0.30
C ILE A 343 9.87 11.59 0.12
N PRO A 344 10.11 10.32 0.45
CA PRO A 344 11.46 9.76 0.31
C PRO A 344 11.88 9.68 -1.18
N THR A 345 13.15 9.93 -1.47
CA THR A 345 13.63 9.91 -2.86
C THR A 345 14.88 9.08 -3.09
N MET A 346 15.47 8.57 -2.02
CA MET A 346 16.74 7.88 -2.12
C MET A 346 16.71 6.55 -1.40
N GLY A 347 17.32 5.54 -2.03
CA GLY A 347 17.38 4.21 -1.46
C GLY A 347 18.79 3.62 -1.45
N ILE A 348 19.03 2.69 -0.54
CA ILE A 348 20.26 1.94 -0.48
C ILE A 348 19.92 0.57 -1.08
N ASP A 349 20.49 0.27 -2.23
CA ASP A 349 20.18 -0.96 -2.93
C ASP A 349 21.28 -2.02 -2.72
N ASN A 350 21.01 -2.98 -1.86
CA ASN A 350 21.97 -4.05 -1.60
C ASN A 350 21.33 -5.40 -1.93
N TRP A 351 20.38 -5.40 -2.86
CA TRP A 351 19.60 -6.60 -3.11
C TRP A 351 20.45 -7.70 -3.67
N ALA A 352 21.44 -7.33 -4.47
CA ALA A 352 22.25 -8.32 -5.14
C ALA A 352 23.22 -9.06 -4.20
N ASP A 353 23.32 -8.61 -2.96
CA ASP A 353 24.19 -9.23 -1.98
C ASP A 353 23.45 -10.39 -1.31
N PRO A 354 23.82 -11.64 -1.64
CA PRO A 354 23.11 -12.78 -1.03
C PRO A 354 23.22 -12.91 0.49
N THR A 355 24.19 -12.24 1.08
CA THR A 355 24.33 -12.28 2.54
C THR A 355 23.45 -11.26 3.25
N ALA A 356 23.06 -10.19 2.56
CA ALA A 356 22.26 -9.11 3.17
C ALA A 356 21.42 -8.47 2.07
N PRO A 357 20.50 -9.26 1.48
CA PRO A 357 19.67 -8.74 0.40
C PRO A 357 18.56 -7.83 0.91
N ILE A 358 18.85 -6.53 0.87
CA ILE A 358 17.88 -5.52 1.28
C ILE A 358 17.88 -4.34 0.34
N PHE A 359 16.71 -3.70 0.27
CA PHE A 359 16.55 -2.42 -0.40
C PHE A 359 15.98 -1.53 0.71
N ALA A 360 16.70 -0.47 1.07
CA ALA A 360 16.28 0.39 2.18
C ALA A 360 16.07 1.82 1.73
N GLU A 361 14.90 2.38 1.99
CA GLU A 361 14.72 3.77 1.65
C GLU A 361 15.11 4.64 2.85
N ILE A 362 15.70 5.78 2.55
CA ILE A 362 16.07 6.76 3.57
C ILE A 362 14.81 7.58 3.80
N ALA A 363 14.18 7.38 4.97
CA ALA A 363 12.90 7.97 5.29
C ALA A 363 13.03 9.25 6.10
N PRO A 364 12.10 10.21 5.88
CA PRO A 364 12.12 11.46 6.63
C PRO A 364 11.48 11.27 8.02
N LEU A 365 11.88 12.12 8.96
CA LEU A 365 11.29 12.18 10.29
C LEU A 365 11.08 13.69 10.43
N PRO A 366 9.99 14.20 9.82
CA PRO A 366 9.72 15.63 9.81
C PRO A 366 9.24 16.25 11.10
N ALA A 367 10.14 16.29 12.09
CA ALA A 367 9.82 16.80 13.40
C ALA A 367 9.94 18.33 13.50
N GLY A 368 10.51 18.97 12.48
CA GLY A 368 10.63 20.44 12.48
C GLY A 368 11.78 20.99 13.32
N LEU A 369 12.68 20.10 13.74
CA LEU A 369 13.85 20.50 14.48
C LEU A 369 14.96 19.49 14.17
N GLU A 370 16.20 19.85 14.51
CA GLU A 370 17.31 18.97 14.23
C GLU A 370 17.37 17.81 15.21
N THR A 371 17.16 16.59 14.73
CA THR A 371 17.16 15.42 15.60
C THR A 371 18.42 14.55 15.40
N TYR A 372 19.14 14.79 14.30
CA TYR A 372 20.32 14.00 13.89
C TYR A 372 20.02 12.52 13.61
N VAL A 373 18.76 12.17 13.43
CA VAL A 373 18.38 10.78 13.19
C VAL A 373 18.33 10.48 11.70
N SER A 374 18.97 9.37 11.29
CA SER A 374 18.75 8.84 9.94
C SER A 374 17.76 7.67 10.14
N LEU A 375 16.61 7.76 9.48
CA LEU A 375 15.56 6.76 9.61
C LEU A 375 15.50 5.94 8.30
N TYR A 376 15.28 4.64 8.42
CA TYR A 376 15.21 3.76 7.25
C TYR A 376 14.02 2.80 7.27
N LEU A 377 13.44 2.57 6.10
CA LEU A 377 12.48 1.48 5.95
C LEU A 377 13.17 0.49 5.02
N ALA A 378 13.41 -0.71 5.52
CA ALA A 378 14.10 -1.73 4.75
C ALA A 378 13.15 -2.81 4.26
N ILE A 379 13.26 -3.12 2.97
CA ILE A 379 12.59 -4.27 2.39
C ILE A 379 13.67 -5.36 2.35
N THR A 380 13.46 -6.41 3.13
CA THR A 380 14.44 -7.50 3.22
C THR A 380 13.92 -8.73 2.46
N LYS A 381 14.81 -9.61 2.01
CA LYS A 381 14.38 -10.84 1.34
C LYS A 381 14.04 -11.91 2.39
N ASN A 382 13.10 -11.61 3.26
CA ASN A 382 12.67 -12.53 4.32
C ASN A 382 11.84 -13.64 3.68
N PRO A 383 12.27 -14.92 3.81
CA PRO A 383 11.52 -16.04 3.22
C PRO A 383 10.27 -16.46 3.99
N GLU A 384 10.11 -15.96 5.21
CA GLU A 384 9.00 -16.34 6.06
C GLU A 384 7.65 -15.97 5.45
N ARG A 385 6.64 -16.81 5.63
CA ARG A 385 5.29 -16.56 5.12
C ARG A 385 4.30 -17.01 6.19
N ALA A 386 3.04 -16.60 6.06
CA ALA A 386 2.01 -16.98 7.00
C ALA A 386 0.75 -17.24 6.21
N ARG A 387 -0.34 -17.53 6.90
CA ARG A 387 -1.61 -17.78 6.23
C ARG A 387 -2.76 -17.19 7.01
N PHE A 388 -3.88 -16.99 6.32
CA PHE A 388 -5.10 -16.54 6.97
C PHE A 388 -5.93 -17.79 7.21
N GLN A 389 -6.62 -17.82 8.33
CA GLN A 389 -7.47 -18.96 8.65
C GLN A 389 -8.70 -18.50 9.40
N PHE A 390 -9.85 -19.04 9.02
CA PHE A 390 -11.11 -18.68 9.64
C PHE A 390 -11.19 -19.27 11.04
N ASN A 391 -11.56 -18.44 12.01
CA ASN A 391 -11.63 -18.91 13.38
C ASN A 391 -13.10 -19.16 13.74
N SER A 392 -13.44 -20.43 13.93
CA SER A 392 -14.82 -20.86 14.23
C SER A 392 -15.43 -20.17 15.47
N GLY A 393 -14.63 -20.04 16.52
CA GLY A 393 -15.11 -19.42 17.74
C GLY A 393 -15.60 -17.99 17.59
N THR A 394 -14.78 -17.16 16.94
CA THR A 394 -15.04 -15.72 16.82
C THR A 394 -15.78 -15.28 15.56
N GLY A 395 -15.77 -16.13 14.53
CA GLY A 395 -16.32 -15.75 13.25
C GLY A 395 -15.41 -14.77 12.50
N LYS A 396 -14.12 -14.77 12.88
CA LYS A 396 -13.14 -13.83 12.32
C LYS A 396 -12.02 -14.57 11.59
N VAL A 397 -11.38 -13.88 10.65
CA VAL A 397 -10.23 -14.46 9.99
C VAL A 397 -8.98 -14.00 10.74
N ASP A 398 -8.16 -14.96 11.14
CA ASP A 398 -6.92 -14.64 11.81
C ASP A 398 -5.78 -14.77 10.81
N LEU A 399 -4.68 -14.08 11.12
CA LEU A 399 -3.45 -14.18 10.35
C LEU A 399 -2.42 -14.84 11.27
N THR A 400 -1.79 -15.91 10.80
CA THR A 400 -0.88 -16.67 11.65
C THR A 400 0.51 -16.08 11.82
N TRP A 401 0.77 -14.95 11.16
CA TRP A 401 2.09 -14.34 11.23
C TRP A 401 2.48 -14.09 12.67
N ALA A 402 3.69 -14.49 13.02
CA ALA A 402 4.22 -14.25 14.34
C ALA A 402 5.33 -13.22 14.22
N GLN A 403 5.46 -12.35 15.21
CA GLN A 403 6.46 -11.28 15.16
C GLN A 403 7.86 -11.85 15.02
N SER A 404 8.08 -13.03 15.58
CA SER A 404 9.38 -13.69 15.50
C SER A 404 9.78 -14.01 14.06
N GLN A 405 8.80 -14.08 13.17
CA GLN A 405 9.10 -14.33 11.76
C GLN A 405 9.84 -13.18 11.10
N ASN A 406 9.88 -12.02 11.76
CA ASN A 406 10.66 -10.88 11.28
C ASN A 406 12.15 -11.00 11.65
N GLN A 407 12.53 -11.95 12.48
CA GLN A 407 13.94 -12.09 12.86
C GLN A 407 14.89 -12.24 11.66
N LYS A 408 14.51 -13.06 10.67
CA LYS A 408 15.36 -13.24 9.49
C LYS A 408 15.57 -11.92 8.75
N GLY A 409 14.55 -11.08 8.71
CA GLY A 409 14.67 -9.78 8.07
C GLY A 409 15.60 -8.85 8.85
N ILE A 410 15.41 -8.79 10.16
CA ILE A 410 16.30 -8.00 11.04
C ILE A 410 17.75 -8.41 10.86
N ASP A 411 18.01 -9.72 10.79
CA ASP A 411 19.38 -10.17 10.60
C ASP A 411 19.99 -9.69 9.28
N MET A 412 19.19 -9.63 8.23
CA MET A 412 19.64 -9.11 6.94
C MET A 412 19.93 -7.61 7.03
N ALA A 413 18.99 -6.87 7.60
CA ALA A 413 19.13 -5.41 7.76
C ALA A 413 20.35 -5.06 8.62
N LYS A 414 20.50 -5.76 9.74
CA LYS A 414 21.59 -5.56 10.67
C LYS A 414 22.93 -5.63 9.95
N LYS A 415 23.06 -6.56 9.01
CA LYS A 415 24.34 -6.70 8.34
C LYS A 415 24.76 -5.43 7.61
N VAL A 416 23.79 -4.70 7.08
CA VAL A 416 24.10 -3.44 6.40
C VAL A 416 24.27 -2.28 7.40
N PHE A 417 23.33 -2.14 8.31
CA PHE A 417 23.35 -1.00 9.22
C PHE A 417 24.45 -1.07 10.25
N ASP A 418 24.82 -2.30 10.64
CA ASP A 418 25.93 -2.48 11.57
C ASP A 418 27.23 -2.03 10.90
N LYS A 419 27.34 -2.26 9.60
CA LYS A 419 28.53 -1.84 8.89
C LYS A 419 28.66 -0.31 8.81
N ILE A 420 27.54 0.36 8.55
CA ILE A 420 27.55 1.82 8.55
C ILE A 420 27.83 2.34 9.97
N ASN A 421 27.20 1.74 10.97
CA ASN A 421 27.46 2.12 12.37
C ASN A 421 28.94 1.97 12.71
N GLN A 422 29.58 0.89 12.23
CA GLN A 422 31.01 0.69 12.50
C GLN A 422 31.87 1.76 11.84
N LYS A 423 31.60 2.05 10.58
CA LYS A 423 32.33 3.07 9.88
C LYS A 423 32.15 4.47 10.50
N GLU A 424 30.92 4.78 10.89
CA GLU A 424 30.61 6.12 11.39
C GLU A 424 30.82 6.27 12.90
N GLY A 425 30.98 5.13 13.58
CA GLY A 425 31.11 5.15 15.03
C GLY A 425 29.82 5.63 15.69
N THR A 426 28.68 5.17 15.20
CA THR A 426 27.38 5.59 15.73
C THR A 426 26.61 4.41 16.29
N ILE A 427 25.54 4.69 17.03
CA ILE A 427 24.69 3.64 17.58
C ILE A 427 23.27 3.79 17.01
N TYR A 428 22.45 2.76 17.19
CA TYR A 428 21.03 2.84 16.82
C TYR A 428 20.22 3.66 17.83
N ARG A 429 19.15 4.28 17.37
CA ARG A 429 18.19 4.90 18.28
C ARG A 429 17.37 3.75 18.89
N THR A 430 16.96 3.90 20.16
CA THR A 430 16.13 2.88 20.80
C THR A 430 14.85 3.50 21.36
N ASP A 431 14.56 4.71 20.91
CA ASP A 431 13.42 5.45 21.44
C ASP A 431 12.42 5.88 20.39
N LEU A 432 12.47 5.27 19.21
CA LEU A 432 11.57 5.68 18.14
C LEU A 432 10.26 4.89 18.10
N PHE A 433 10.27 3.63 18.49
CA PHE A 433 9.11 2.76 18.25
C PHE A 433 8.27 2.35 19.45
N TYR A 436 8.67 1.17 22.82
CA TYR A 436 8.97 0.56 24.11
C TYR A 436 10.43 0.08 24.22
N TYR A 437 11.35 1.01 24.04
CA TYR A 437 12.79 0.74 24.08
C TYR A 437 13.19 -0.27 23.01
N LYS A 438 12.44 -0.30 21.91
CA LYS A 438 12.77 -1.16 20.77
C LYS A 438 13.72 -0.47 19.79
N THR A 439 14.68 -1.22 19.27
CA THR A 439 15.55 -0.73 18.21
C THR A 439 14.89 -0.95 16.85
N TRP A 440 14.35 -2.14 16.63
CA TRP A 440 13.79 -2.55 15.34
C TRP A 440 12.28 -2.39 15.27
N GLY A 441 11.81 -1.64 14.28
CA GLY A 441 10.38 -1.50 14.07
C GLY A 441 9.92 -2.72 13.29
N ASP A 442 9.47 -3.75 13.99
CA ASP A 442 9.16 -5.04 13.39
C ASP A 442 7.76 -5.57 13.67
N ASP A 443 6.84 -4.69 14.04
CA ASP A 443 5.49 -5.15 14.39
C ASP A 443 4.38 -4.56 13.53
N PHE A 444 4.79 -4.05 12.37
CA PHE A 444 3.87 -3.47 11.42
C PHE A 444 4.45 -3.67 10.03
N THR A 445 3.59 -3.60 9.02
CA THR A 445 4.06 -3.57 7.66
C THR A 445 3.18 -2.60 6.89
N TYR A 446 3.76 -1.96 5.89
CA TYR A 446 3.00 -1.08 5.01
C TYR A 446 2.64 -1.86 3.77
N HIS A 447 3.27 -3.02 3.62
CA HIS A 447 3.26 -3.74 2.35
C HIS A 447 2.78 -5.18 2.44
N PRO A 448 1.51 -5.39 2.86
CA PRO A 448 1.00 -6.75 2.95
C PRO A 448 0.92 -7.34 1.52
N LEU A 449 1.40 -8.56 1.32
CA LEU A 449 1.36 -9.17 0.00
C LEU A 449 0.99 -10.64 0.07
N GLY A 450 0.18 -11.11 -0.88
CA GLY A 450 -0.11 -12.53 -0.90
C GLY A 450 -1.39 -12.95 -0.21
N GLY A 451 -1.60 -14.26 -0.10
CA GLY A 451 -2.83 -14.79 0.45
C GLY A 451 -3.66 -15.50 -0.59
N VAL A 452 -3.60 -15.08 -1.85
CA VAL A 452 -4.36 -15.73 -2.93
C VAL A 452 -3.45 -15.76 -4.16
N LEU A 453 -2.40 -16.58 -4.08
CA LEU A 453 -1.29 -16.49 -5.02
C LEU A 453 -1.60 -16.83 -6.46
N LEU A 454 -1.08 -15.99 -7.36
CA LEU A 454 -1.18 -16.20 -8.79
C LEU A 454 -0.65 -17.59 -9.14
N ASN A 455 -1.44 -18.33 -9.92
CA ASN A 455 -1.07 -19.66 -10.43
C ASN A 455 -1.00 -20.72 -9.35
N LYS A 456 -1.49 -20.41 -8.17
CA LYS A 456 -1.58 -21.36 -7.07
C LYS A 456 -3.03 -21.41 -6.58
N ALA A 457 -3.53 -20.32 -6.00
CA ALA A 457 -4.91 -20.24 -5.56
C ALA A 457 -5.79 -19.84 -6.74
N THR A 458 -5.20 -19.13 -7.71
CA THR A 458 -5.90 -18.71 -8.94
C THR A 458 -5.24 -19.38 -10.15
N ASP A 459 -5.78 -19.16 -11.34
CA ASP A 459 -5.06 -19.62 -12.51
C ASP A 459 -3.93 -18.61 -12.83
N ASN A 460 -3.33 -18.69 -14.00
CA ASN A 460 -2.18 -17.83 -14.28
C ASN A 460 -2.56 -16.38 -14.59
N PHE A 461 -3.86 -16.10 -14.58
CA PHE A 461 -4.34 -14.75 -14.85
C PHE A 461 -5.29 -14.19 -13.81
N GLY A 462 -5.27 -14.77 -12.61
CA GLY A 462 -6.09 -14.29 -11.52
C GLY A 462 -7.51 -14.84 -11.46
N ARG A 463 -7.87 -15.76 -12.34
CA ARG A 463 -9.23 -16.31 -12.31
C ARG A 463 -9.34 -17.32 -11.18
N LEU A 464 -10.49 -17.35 -10.51
CA LEU A 464 -10.78 -18.43 -9.56
C LEU A 464 -11.47 -19.48 -10.44
N PRO A 465 -10.72 -20.52 -10.87
CA PRO A 465 -11.29 -21.50 -11.81
C PRO A 465 -12.56 -22.27 -11.41
N GLU A 466 -12.74 -22.46 -10.13
CA GLU A 466 -13.92 -23.17 -9.64
C GLU A 466 -15.20 -22.34 -9.75
N TYR A 467 -15.04 -21.02 -9.92
CA TYR A 467 -16.18 -20.10 -10.01
C TYR A 467 -16.02 -19.10 -11.14
N PRO A 468 -16.41 -19.49 -12.35
CA PRO A 468 -16.29 -18.62 -13.51
C PRO A 468 -16.92 -17.26 -13.23
N GLY A 469 -16.18 -16.19 -13.55
CA GLY A 469 -16.70 -14.86 -13.30
C GLY A 469 -16.10 -14.23 -12.06
N LEU A 470 -15.40 -15.00 -11.24
CA LEU A 470 -14.69 -14.45 -10.08
C LEU A 470 -13.20 -14.27 -10.42
N TYR A 471 -12.67 -13.09 -10.13
CA TYR A 471 -11.29 -12.73 -10.48
C TYR A 471 -10.64 -12.02 -9.32
N VAL A 472 -9.33 -12.18 -9.19
CA VAL A 472 -8.57 -11.50 -8.14
C VAL A 472 -7.54 -10.64 -8.89
N VAL A 473 -7.45 -9.35 -8.54
CA VAL A 473 -6.58 -8.42 -9.26
C VAL A 473 -5.67 -7.51 -8.42
N ASP A 474 -5.43 -7.88 -7.17
CA ASP A 474 -4.74 -6.97 -6.27
C ASP A 474 -3.48 -7.61 -5.66
N GLY A 475 -3.00 -7.03 -4.57
CA GLY A 475 -1.80 -7.52 -3.91
C GLY A 475 -1.86 -8.92 -3.33
N SER A 476 -3.06 -9.50 -3.21
CA SER A 476 -3.15 -10.88 -2.71
C SER A 476 -2.52 -11.91 -3.69
N LEU A 477 -2.37 -11.52 -4.95
CA LEU A 477 -1.76 -12.38 -5.98
C LEU A 477 -0.24 -12.56 -5.84
N VAL A 478 0.42 -11.57 -5.24
CA VAL A 478 1.88 -11.48 -5.22
C VAL A 478 2.43 -12.40 -4.12
N PRO A 479 3.49 -13.17 -4.43
CA PRO A 479 4.01 -14.07 -3.40
C PRO A 479 4.84 -13.48 -2.26
N GLY A 480 4.19 -12.66 -1.44
CA GLY A 480 4.76 -12.17 -0.20
C GLY A 480 5.86 -11.13 -0.21
N ASN A 481 6.57 -11.03 -1.31
CA ASN A 481 7.75 -10.17 -1.38
C ASN A 481 8.16 -9.94 -2.83
N VAL A 482 8.37 -8.68 -3.19
CA VAL A 482 8.81 -8.33 -4.54
C VAL A 482 10.16 -7.60 -4.53
N GLY A 483 10.71 -7.43 -3.33
CA GLY A 483 12.04 -6.82 -3.18
C GLY A 483 12.13 -5.32 -3.34
N VAL A 484 10.98 -4.68 -3.56
CA VAL A 484 10.91 -3.22 -3.72
C VAL A 484 9.52 -2.78 -3.27
N ASN A 485 9.27 -1.47 -3.28
CA ASN A 485 7.93 -0.94 -2.98
C ASN A 485 7.02 -1.59 -3.98
N PRO A 486 5.90 -2.18 -3.51
CA PRO A 486 5.00 -2.96 -4.36
C PRO A 486 4.01 -2.42 -5.34
N PHE A 487 3.62 -1.15 -5.23
CA PHE A 487 2.48 -0.75 -6.02
C PHE A 487 2.64 -0.76 -7.54
N VAL A 488 3.86 -0.52 -8.02
CA VAL A 488 4.08 -0.61 -9.46
C VAL A 488 3.86 -2.06 -9.93
N THR A 489 4.35 -3.04 -9.17
CA THR A 489 4.16 -4.45 -9.49
C THR A 489 2.68 -4.87 -9.51
N ILE A 490 1.93 -4.45 -8.50
CA ILE A 490 0.50 -4.76 -8.41
C ILE A 490 -0.24 -4.16 -9.61
N THR A 491 0.10 -2.91 -9.92
CA THR A 491 -0.53 -2.23 -11.04
C THR A 491 -0.23 -2.95 -12.37
N ALA A 492 1.05 -3.31 -12.58
CA ALA A 492 1.47 -3.93 -13.84
C ALA A 492 0.87 -5.35 -13.99
N LEU A 493 0.80 -6.08 -12.87
CA LEU A 493 0.22 -7.42 -12.85
C LEU A 493 -1.28 -7.31 -13.14
N ALA A 494 -1.92 -6.29 -12.58
CA ALA A 494 -3.32 -6.06 -12.84
C ALA A 494 -3.50 -5.71 -14.32
N GLU A 495 -2.61 -4.87 -14.85
CA GLU A 495 -2.66 -4.53 -16.28
C GLU A 495 -2.56 -5.79 -17.14
N ARG A 496 -1.59 -6.64 -16.85
CA ARG A 496 -1.44 -7.93 -17.55
C ARG A 496 -2.72 -8.78 -17.50
N ASN A 497 -3.23 -9.02 -16.29
CA ASN A 497 -4.40 -9.86 -16.11
C ASN A 497 -5.64 -9.31 -16.79
N MET A 498 -5.89 -8.00 -16.64
CA MET A 498 -7.07 -7.39 -17.25
C MET A 498 -7.03 -7.51 -18.78
N ASP A 499 -5.84 -7.37 -19.35
CA ASP A 499 -5.66 -7.51 -20.78
C ASP A 499 -6.16 -8.88 -21.24
N LYS A 500 -5.69 -9.93 -20.58
CA LYS A 500 -6.06 -11.29 -20.94
C LYS A 500 -7.52 -11.61 -20.65
N ILE A 501 -8.03 -11.15 -19.52
CA ILE A 501 -9.40 -11.44 -19.11
C ILE A 501 -10.37 -10.77 -20.07
N ILE A 502 -10.11 -9.50 -20.38
CA ILE A 502 -11.03 -8.78 -21.24
C ILE A 502 -10.97 -9.36 -22.63
N SER A 503 -9.79 -9.76 -23.08
CA SER A 503 -9.68 -10.29 -24.43
C SER A 503 -10.18 -11.73 -24.54
N SER A 504 -10.14 -12.47 -23.43
CA SER A 504 -10.50 -13.89 -23.45
C SER A 504 -11.86 -14.24 -22.91
N ASP A 505 -12.27 -13.60 -21.83
CA ASP A 505 -13.52 -13.95 -21.15
C ASP A 505 -14.71 -13.10 -21.48
N ILE A 506 -14.47 -11.86 -21.89
CA ILE A 506 -15.55 -10.89 -22.07
C ILE A 506 -15.74 -10.53 -23.53
#